data_8IU9
#
_entry.id   8IU9
#
_cell.length_a   155.181
_cell.length_b   48.381
_cell.length_c   76.487
_cell.angle_alpha   90.000
_cell.angle_beta   104.405
_cell.angle_gamma   90.000
#
_symmetry.space_group_name_H-M   'C 1 2 1'
#
loop_
_entity.id
_entity.type
_entity.pdbx_description
1 polymer 'Candidate dextranase Glycoside hydrolase family 66'
2 non-polymer alpha-D-glucopyranose
3 non-polymer beta-D-glucopyranose
4 non-polymer 'SODIUM ION'
5 water water
#
_entity_poly.entity_id   1
_entity_poly.type   'polypeptide(L)'
_entity_poly.pdbx_seq_one_letter_code
;MGSSHHHHHHSSGLVPRGSHMASAEDAVTAKITLKTDKASYKPGETVNFTADKVFNSSLIRYTHLGKVIKEETFSGTSWS
WLPPSDDFQGYMVAIYQTNTDGTQTILGTVGIDVSSDWAKFPRYGFLSEFGNISESDRAAVIDNLKDYHINGIQFYDWQY
RQHQPLAGTVSNPMPVWNDIINREVYGSTVSGYIAQAHSKNMKAMFYNLAYGVLNDYDPNLIKQQQFVYKDANHNDKDKH
ELGWPFISNIYITDPANTAWQNYLAQKNDDVYKVYDFDGFHIDQLGDRGNVFRYDGTNADLKNAFPSFISAMKSANTNKK
LVMNAVNQYGQKEIAGKELDFLYTEVWSPNEGFKDLTQVLTDNAAYSNNSKNTVLAAYMNYNKANNQGMFNTPGVLLTDA
VIFAFGGSHLELGEHMLGKEYFPNKNLSMSAELKSSLLEYYDFMTAYQNLLRDGGTYTNPTIATGDGKLNLGSWPPTMGK
VAAVGKQVGSREIIHLLNFTNANSLNWRDTDGTQNVPDLIKQAMLNLNHSGKVTKIWYASPDYNGGAAVELSFSQNGEKV
NFKVPVLQYWAMIVVE
;
_entity_poly.pdbx_strand_id   A
#
loop_
_chem_comp.id
_chem_comp.type
_chem_comp.name
_chem_comp.formula
BGC D-saccharide, beta linking beta-D-glucopyranose 'C6 H12 O6'
GLC D-saccharide, alpha linking alpha-D-glucopyranose 'C6 H12 O6'
NA non-polymer 'SODIUM ION' 'Na 1'
#
# COMPACT_ATOMS: atom_id res chain seq x y z
N VAL A 28 -15.24 -5.79 -15.72
CA VAL A 28 -14.11 -6.40 -16.51
C VAL A 28 -14.43 -6.18 -18.00
N THR A 29 -15.14 -5.08 -18.29
CA THR A 29 -15.71 -4.74 -19.58
C THR A 29 -14.64 -4.09 -20.50
N ALA A 30 -13.47 -3.69 -19.95
CA ALA A 30 -12.53 -2.87 -20.71
C ALA A 30 -11.98 -3.63 -21.91
N LYS A 31 -12.21 -3.07 -23.10
CA LYS A 31 -11.88 -3.75 -24.34
C LYS A 31 -10.37 -3.89 -24.53
N ILE A 32 -9.55 -3.03 -23.93
CA ILE A 32 -8.09 -3.08 -24.05
C ILE A 32 -7.41 -3.12 -22.70
N THR A 33 -6.37 -3.93 -22.59
CA THR A 33 -5.42 -3.84 -21.49
C THR A 33 -4.28 -2.86 -21.86
N LEU A 34 -4.15 -1.76 -21.14
CA LEU A 34 -3.18 -0.70 -21.34
C LEU A 34 -2.20 -0.67 -20.16
N LYS A 35 -0.91 -0.87 -20.46
CA LYS A 35 0.12 -1.04 -19.47
C LYS A 35 1.25 -0.05 -19.79
N THR A 36 2.08 0.24 -18.79
CA THR A 36 3.29 1.01 -19.07
C THR A 36 4.52 0.20 -18.66
N ASP A 37 5.73 0.66 -19.02
CA ASP A 37 6.87 -0.24 -18.88
C ASP A 37 7.39 -0.27 -17.45
N LYS A 38 7.28 0.83 -16.67
CA LYS A 38 7.80 0.89 -15.30
C LYS A 38 6.60 1.09 -14.31
N ALA A 39 6.89 0.99 -13.02
CA ALA A 39 5.92 1.16 -11.91
C ALA A 39 5.59 2.60 -11.66
N SER A 40 6.63 3.44 -11.81
CA SER A 40 6.60 4.89 -11.68
C SER A 40 7.80 5.43 -12.48
N TYR A 41 7.78 6.76 -12.59
CA TYR A 41 8.69 7.53 -13.45
C TYR A 41 9.20 8.74 -12.70
N LYS A 42 10.51 8.89 -12.76
CA LYS A 42 11.20 10.09 -12.26
C LYS A 42 10.89 11.22 -13.25
N PRO A 43 10.86 12.49 -12.85
CA PRO A 43 10.72 13.54 -13.84
C PRO A 43 11.76 13.35 -14.95
N GLY A 44 11.32 13.60 -16.19
CA GLY A 44 12.10 13.49 -17.38
C GLY A 44 12.26 12.06 -17.89
N GLU A 45 11.60 11.05 -17.30
CA GLU A 45 11.72 9.73 -17.85
C GLU A 45 10.53 9.50 -18.76
N THR A 46 10.86 8.80 -19.85
CA THR A 46 9.92 8.44 -20.89
C THR A 46 9.04 7.28 -20.45
N VAL A 47 7.77 7.47 -20.72
CA VAL A 47 6.74 6.43 -20.46
C VAL A 47 6.56 5.63 -21.76
N ASN A 48 6.85 4.33 -21.71
CA ASN A 48 6.55 3.47 -22.87
C ASN A 48 5.30 2.66 -22.59
N PHE A 49 4.26 2.86 -23.41
CA PHE A 49 2.97 2.16 -23.35
C PHE A 49 2.93 0.91 -24.22
N THR A 50 2.16 -0.13 -23.74
CA THR A 50 1.73 -1.30 -24.50
C THR A 50 0.21 -1.39 -24.38
N ALA A 51 -0.51 -1.38 -25.51
CA ALA A 51 -1.88 -1.87 -25.59
C ALA A 51 -1.93 -3.29 -26.16
N ASP A 52 -2.84 -4.15 -25.64
CA ASP A 52 -2.90 -5.52 -26.16
C ASP A 52 -3.62 -5.56 -27.51
N LYS A 53 -4.33 -4.50 -27.89
CA LYS A 53 -4.96 -4.47 -29.20
C LYS A 53 -5.44 -3.07 -29.58
N VAL A 54 -5.81 -2.95 -30.84
CA VAL A 54 -5.94 -1.65 -31.46
C VAL A 54 -7.32 -1.51 -32.05
N PHE A 55 -7.81 -0.28 -32.01
CA PHE A 55 -9.07 0.05 -32.63
C PHE A 55 -8.98 1.35 -33.45
N ASN A 56 -9.93 1.45 -34.36
CA ASN A 56 -10.02 2.50 -35.35
C ASN A 56 -10.67 3.72 -34.75
N SER A 57 -10.48 4.85 -35.39
CA SER A 57 -11.13 6.07 -34.98
C SER A 57 -11.09 6.28 -33.46
N SER A 58 -9.90 6.17 -32.89
CA SER A 58 -9.64 6.22 -31.48
C SER A 58 -8.56 7.27 -31.20
N LEU A 59 -8.60 7.81 -29.98
CA LEU A 59 -7.86 8.97 -29.48
C LEU A 59 -7.34 8.54 -28.10
N ILE A 60 -6.06 8.75 -27.82
CA ILE A 60 -5.47 8.72 -26.50
C ILE A 60 -5.58 10.11 -25.89
N ARG A 61 -6.31 10.23 -24.76
CA ARG A 61 -6.28 11.42 -23.93
C ARG A 61 -5.50 11.27 -22.63
N TYR A 62 -4.55 12.20 -22.41
CA TYR A 62 -3.72 12.32 -21.23
C TYR A 62 -4.37 13.38 -20.35
N THR A 63 -4.69 12.99 -19.08
CA THR A 63 -5.40 13.87 -18.17
C THR A 63 -4.61 14.05 -16.86
N HIS A 64 -4.73 15.24 -16.33
CA HIS A 64 -4.25 15.64 -15.00
C HIS A 64 -5.46 16.22 -14.31
N LEU A 65 -5.86 15.53 -13.21
CA LEU A 65 -6.92 16.03 -12.33
C LEU A 65 -8.09 16.42 -13.22
N GLY A 66 -8.41 15.47 -14.10
CA GLY A 66 -9.62 15.58 -14.89
C GLY A 66 -9.48 16.52 -16.11
N LYS A 67 -8.29 17.16 -16.30
CA LYS A 67 -8.02 18.12 -17.37
C LYS A 67 -7.22 17.46 -18.49
N VAL A 68 -7.67 17.64 -19.73
CA VAL A 68 -6.98 17.03 -20.86
C VAL A 68 -5.77 17.92 -21.14
N ILE A 69 -4.55 17.35 -21.02
CA ILE A 69 -3.31 18.06 -21.29
C ILE A 69 -2.66 17.66 -22.62
N LYS A 70 -3.18 16.59 -23.26
CA LYS A 70 -2.62 16.07 -24.48
C LYS A 70 -3.63 15.11 -25.05
N GLU A 71 -3.89 15.25 -26.36
CA GLU A 71 -4.55 14.21 -27.11
C GLU A 71 -3.75 13.82 -28.36
N GLU A 72 -3.79 12.53 -28.73
CA GLU A 72 -3.21 12.08 -30.00
C GLU A 72 -3.96 10.84 -30.47
N THR A 73 -3.82 10.56 -31.78
CA THR A 73 -4.33 9.35 -32.41
C THR A 73 -3.74 8.12 -31.75
N PHE A 74 -4.63 7.20 -31.50
CA PHE A 74 -4.27 5.83 -31.16
C PHE A 74 -3.79 5.14 -32.42
N SER A 75 -2.50 4.89 -32.54
CA SER A 75 -2.00 4.51 -33.84
C SER A 75 -1.30 3.16 -33.86
N GLY A 76 -1.12 2.53 -32.71
CA GLY A 76 -0.48 1.24 -32.63
C GLY A 76 -0.51 0.66 -31.22
N THR A 77 0.14 -0.49 -31.03
CA THR A 77 0.19 -1.14 -29.76
C THR A 77 1.28 -0.57 -28.86
N SER A 78 2.25 0.17 -29.42
CA SER A 78 3.35 0.61 -28.58
C SER A 78 3.72 2.05 -28.93
N TRP A 79 3.99 2.95 -27.92
CA TRP A 79 4.16 4.37 -28.20
C TRP A 79 4.76 4.95 -26.93
N SER A 80 5.21 6.20 -26.98
CA SER A 80 5.83 6.78 -25.82
C SER A 80 5.32 8.21 -25.61
N TRP A 81 5.46 8.63 -24.36
CA TRP A 81 5.05 9.93 -23.86
C TRP A 81 6.10 10.40 -22.85
N LEU A 82 6.60 11.60 -23.10
CA LEU A 82 7.38 12.38 -22.12
C LEU A 82 6.40 13.23 -21.31
N PRO A 83 6.17 12.84 -20.05
CA PRO A 83 5.18 13.55 -19.27
C PRO A 83 5.74 14.90 -18.84
N PRO A 84 4.88 15.78 -18.25
CA PRO A 84 5.33 17.05 -17.65
C PRO A 84 6.34 16.69 -16.53
N SER A 85 7.30 17.62 -16.34
CA SER A 85 8.38 17.37 -15.42
C SER A 85 8.08 17.73 -13.94
N ASP A 86 6.98 18.40 -13.59
CA ASP A 86 6.70 18.72 -12.18
C ASP A 86 6.62 17.43 -11.34
N ASP A 87 7.20 17.52 -10.11
CA ASP A 87 7.48 16.30 -9.32
C ASP A 87 6.17 15.89 -8.61
N PHE A 88 6.01 14.59 -8.27
CA PHE A 88 4.92 14.08 -7.45
C PHE A 88 3.55 14.38 -8.08
N GLN A 89 3.30 13.85 -9.31
CA GLN A 89 2.12 14.22 -10.10
C GLN A 89 1.53 12.92 -10.70
N GLY A 90 0.25 12.69 -10.46
CA GLY A 90 -0.41 11.55 -11.10
C GLY A 90 -1.19 11.98 -12.32
N TYR A 91 -1.27 11.03 -13.34
CA TYR A 91 -2.07 11.31 -14.50
C TYR A 91 -2.93 10.08 -14.78
N MET A 92 -4.07 10.28 -15.41
CA MET A 92 -4.76 9.12 -16.03
C MET A 92 -4.60 9.24 -17.55
N VAL A 93 -4.38 8.11 -18.25
CA VAL A 93 -4.40 8.02 -19.71
C VAL A 93 -5.54 7.07 -20.10
N ALA A 94 -6.43 7.53 -20.98
CA ALA A 94 -7.66 6.84 -21.35
C ALA A 94 -7.76 6.79 -22.89
N ILE A 95 -8.08 5.63 -23.50
CA ILE A 95 -8.27 5.56 -24.96
C ILE A 95 -9.76 5.48 -25.27
N TYR A 96 -10.21 6.38 -26.19
CA TYR A 96 -11.60 6.54 -26.60
C TYR A 96 -11.81 6.22 -28.09
N GLN A 97 -12.89 5.48 -28.39
CA GLN A 97 -13.26 5.19 -29.78
C GLN A 97 -14.46 6.04 -30.15
N THR A 98 -14.47 6.64 -31.34
CA THR A 98 -15.71 7.21 -31.85
C THR A 98 -16.44 6.16 -32.68
N ASN A 99 -17.73 5.93 -32.38
CA ASN A 99 -18.50 4.87 -33.01
C ASN A 99 -19.35 5.44 -34.15
N ASP A 101 -21.84 6.21 -35.33
CA ASP A 101 -23.02 6.93 -34.76
C ASP A 101 -22.62 8.16 -33.93
N GLY A 102 -21.31 8.49 -33.86
CA GLY A 102 -20.87 9.72 -33.22
C GLY A 102 -20.88 9.69 -31.69
N THR A 103 -21.00 8.52 -31.07
CA THR A 103 -20.82 8.43 -29.63
C THR A 103 -19.41 7.88 -29.39
N GLN A 104 -18.92 7.93 -28.16
CA GLN A 104 -17.58 7.48 -27.87
C GLN A 104 -17.65 6.40 -26.82
N THR A 105 -16.59 5.59 -26.75
CA THR A 105 -16.49 4.55 -25.77
C THR A 105 -15.08 4.56 -25.26
N ILE A 106 -14.94 4.48 -23.94
CA ILE A 106 -13.66 4.27 -23.30
C ILE A 106 -13.26 2.81 -23.58
N LEU A 107 -12.04 2.63 -24.06
CA LEU A 107 -11.48 1.36 -24.43
C LEU A 107 -10.59 0.82 -23.32
N GLY A 108 -10.00 1.68 -22.50
CA GLY A 108 -8.92 1.26 -21.61
C GLY A 108 -8.22 2.46 -21.01
N THR A 109 -7.60 2.25 -19.83
CA THR A 109 -7.00 3.29 -18.99
C THR A 109 -5.74 2.78 -18.30
N VAL A 110 -4.85 3.74 -17.93
CA VAL A 110 -3.70 3.39 -17.11
C VAL A 110 -3.37 4.62 -16.29
N GLY A 111 -3.07 4.40 -15.02
CA GLY A 111 -2.53 5.51 -14.19
C GLY A 111 -1.04 5.62 -14.35
N ILE A 112 -0.53 6.87 -14.14
CA ILE A 112 0.90 7.20 -14.22
C ILE A 112 1.28 8.11 -13.03
N ASP A 113 2.29 7.63 -12.29
CA ASP A 113 2.94 8.37 -11.23
C ASP A 113 4.32 8.89 -11.67
N VAL A 114 4.42 10.21 -11.76
CA VAL A 114 5.67 10.95 -11.85
C VAL A 114 6.05 11.44 -10.44
N SER A 115 6.92 10.67 -9.75
CA SER A 115 7.57 10.93 -8.48
C SER A 115 9.11 10.75 -8.59
N SER A 116 9.93 11.64 -7.98
CA SER A 116 11.35 11.40 -7.78
C SER A 116 11.68 10.25 -6.77
N ASP A 117 10.79 9.99 -5.82
CA ASP A 117 11.08 9.05 -4.75
C ASP A 117 9.73 8.49 -4.31
N TRP A 118 9.78 7.34 -3.67
CA TRP A 118 8.53 6.59 -3.39
C TRP A 118 7.77 7.07 -2.16
N ALA A 119 8.45 7.81 -1.27
CA ALA A 119 7.94 8.00 0.09
C ALA A 119 6.69 8.86 0.15
N LYS A 120 6.49 9.77 -0.80
CA LYS A 120 5.31 10.59 -0.73
C LYS A 120 4.05 9.76 -0.97
N PHE A 121 4.10 8.91 -2.00
CA PHE A 121 2.99 8.09 -2.47
C PHE A 121 3.33 6.62 -2.48
N PRO A 122 3.58 6.01 -1.32
CA PRO A 122 4.08 4.64 -1.30
C PRO A 122 2.91 3.68 -1.71
N ARG A 123 3.31 2.71 -2.52
CA ARG A 123 2.50 1.58 -3.01
C ARG A 123 3.41 0.35 -2.80
N TYR A 124 3.27 -0.21 -1.58
CA TYR A 124 4.18 -1.23 -1.05
C TYR A 124 3.56 -2.59 -1.36
N GLY A 125 4.42 -3.51 -1.88
CA GLY A 125 4.11 -4.90 -2.09
C GLY A 125 5.18 -5.72 -1.40
N PHE A 126 5.24 -7.02 -1.70
CA PHE A 126 6.20 -7.91 -1.00
C PHE A 126 6.72 -8.95 -1.94
N LEU A 127 7.71 -9.68 -1.42
CA LEU A 127 8.14 -10.92 -2.00
C LEU A 127 8.43 -11.83 -0.82
N SER A 128 8.24 -13.13 -1.11
CA SER A 128 8.14 -14.13 -0.04
C SER A 128 8.85 -15.45 -0.36
N GLU A 129 9.16 -15.71 -1.66
CA GLU A 129 9.75 -16.97 -2.04
C GLU A 129 11.04 -16.68 -2.82
N PHE A 130 12.14 -17.19 -2.26
CA PHE A 130 13.49 -16.84 -2.71
C PHE A 130 14.32 -18.09 -2.96
N GLY A 131 13.70 -19.21 -3.28
CA GLY A 131 14.39 -20.43 -3.66
C GLY A 131 14.81 -20.38 -5.13
N ASN A 132 15.11 -21.54 -5.68
CA ASN A 132 15.63 -21.58 -7.02
C ASN A 132 14.47 -21.26 -7.98
N ILE A 133 14.14 -20.02 -8.23
CA ILE A 133 13.07 -19.64 -9.13
C ILE A 133 13.71 -19.09 -10.40
N SER A 134 13.20 -19.43 -11.58
CA SER A 134 13.86 -19.02 -12.81
C SER A 134 13.75 -17.49 -12.98
N GLU A 135 14.67 -16.94 -13.79
CA GLU A 135 14.67 -15.53 -14.12
C GLU A 135 13.36 -15.11 -14.80
N SER A 136 12.86 -15.93 -15.72
CA SER A 136 11.58 -15.62 -16.36
C SER A 136 10.41 -15.75 -15.38
N ASP A 137 10.49 -16.64 -14.40
CA ASP A 137 9.46 -16.68 -13.35
C ASP A 137 9.55 -15.42 -12.48
N ARG A 138 10.78 -15.00 -12.15
CA ARG A 138 10.89 -13.81 -11.32
C ARG A 138 10.36 -12.63 -12.11
N ALA A 139 10.61 -12.62 -13.43
CA ALA A 139 10.26 -11.45 -14.25
C ALA A 139 8.74 -11.30 -14.21
N ALA A 140 8.02 -12.45 -14.27
CA ALA A 140 6.56 -12.41 -14.33
C ALA A 140 5.97 -11.88 -13.03
N VAL A 141 6.58 -12.27 -11.91
CA VAL A 141 6.24 -11.73 -10.60
C VAL A 141 6.40 -10.21 -10.63
N ILE A 142 7.60 -9.68 -11.04
CA ILE A 142 7.90 -8.27 -10.90
C ILE A 142 6.98 -7.54 -11.86
N ASP A 143 6.68 -8.16 -13.01
CA ASP A 143 5.96 -7.42 -14.04
C ASP A 143 4.52 -7.15 -13.60
N ASN A 144 3.98 -8.14 -12.91
CA ASN A 144 2.59 -8.13 -12.46
C ASN A 144 2.49 -7.00 -11.42
N LEU A 145 3.37 -7.05 -10.48
CA LEU A 145 3.44 -5.93 -9.51
C LEU A 145 3.60 -4.55 -10.12
N LYS A 146 4.49 -4.46 -11.11
CA LYS A 146 4.66 -3.24 -11.87
C LYS A 146 3.32 -2.74 -12.41
N ASP A 147 2.50 -3.55 -13.00
CA ASP A 147 1.17 -3.15 -13.53
C ASP A 147 0.20 -2.59 -12.46
N TYR A 148 0.47 -2.95 -11.20
CA TYR A 148 -0.27 -2.33 -10.07
C TYR A 148 0.44 -1.05 -9.57
N HIS A 149 1.49 -0.66 -10.28
CA HIS A 149 2.32 0.53 -9.94
C HIS A 149 2.97 0.43 -8.58
N ILE A 150 3.26 -0.78 -8.14
CA ILE A 150 3.98 -1.02 -6.91
C ILE A 150 5.32 -0.32 -6.99
N ASN A 151 5.66 0.55 -5.97
CA ASN A 151 6.85 1.39 -6.03
C ASN A 151 7.91 0.94 -5.03
N GLY A 152 7.65 -0.11 -4.28
CA GLY A 152 8.72 -0.79 -3.60
C GLY A 152 8.21 -2.03 -2.90
N ILE A 153 9.18 -2.85 -2.49
CA ILE A 153 8.89 -4.24 -2.15
C ILE A 153 9.60 -4.58 -0.87
N GLN A 154 8.84 -5.16 0.09
CA GLN A 154 9.35 -5.77 1.28
C GLN A 154 9.69 -7.22 1.04
N PHE A 155 10.97 -7.51 1.26
CA PHE A 155 11.53 -8.82 1.01
C PHE A 155 11.38 -9.59 2.30
N TYR A 156 10.35 -10.42 2.43
CA TYR A 156 9.96 -11.08 3.71
C TYR A 156 10.61 -12.46 3.90
N ASP A 157 11.44 -12.67 4.91
CA ASP A 157 12.06 -13.96 5.20
C ASP A 157 13.04 -14.41 4.07
N TRP A 158 13.74 -13.39 3.51
CA TRP A 158 14.92 -13.60 2.66
C TRP A 158 16.13 -13.93 3.53
N GLN A 159 16.12 -13.41 4.79
CA GLN A 159 17.32 -13.35 5.59
C GLN A 159 17.73 -14.71 6.15
N TYR A 160 19.00 -14.82 6.45
CA TYR A 160 19.50 -16.00 7.11
C TYR A 160 18.95 -16.12 8.52
N ARG A 161 19.29 -15.15 9.39
CA ARG A 161 18.98 -15.14 10.82
C ARG A 161 18.69 -13.73 11.28
N GLN A 162 17.77 -13.59 12.25
CA GLN A 162 17.38 -12.25 12.72
C GLN A 162 18.60 -11.47 13.21
N HIS A 163 19.57 -12.19 13.77
CA HIS A 163 20.75 -11.66 14.40
C HIS A 163 21.96 -11.63 13.47
N GLN A 164 21.76 -12.03 12.22
CA GLN A 164 22.80 -12.10 11.21
C GLN A 164 22.10 -12.29 9.89
N PRO A 165 21.44 -11.24 9.31
CA PRO A 165 20.67 -11.41 8.07
C PRO A 165 21.51 -11.82 6.86
N LEU A 166 22.86 -11.54 6.88
CA LEU A 166 23.72 -12.02 5.80
C LEU A 166 24.25 -13.42 6.12
N ALA A 167 23.97 -14.38 5.24
CA ALA A 167 24.65 -15.66 5.33
C ALA A 167 26.02 -15.57 4.67
N GLY A 168 26.97 -16.16 5.39
CA GLY A 168 28.40 -16.06 5.20
C GLY A 168 28.92 -14.70 5.67
N THR A 169 29.95 -14.23 4.94
CA THR A 169 30.70 -12.99 5.13
C THR A 169 30.62 -12.18 3.83
N VAL A 170 31.02 -10.90 3.92
CA VAL A 170 30.92 -9.96 2.82
C VAL A 170 31.88 -10.44 1.70
N SER A 171 33.07 -10.89 2.06
CA SER A 171 34.01 -11.33 1.05
C SER A 171 33.64 -12.73 0.56
N ASN A 172 32.92 -13.50 1.39
CA ASN A 172 32.51 -14.85 0.99
C ASN A 172 31.08 -15.12 1.39
N PRO A 173 30.13 -14.47 0.69
CA PRO A 173 28.71 -14.67 0.97
C PRO A 173 28.24 -16.05 0.52
N MET A 174 27.43 -16.67 1.37
CA MET A 174 26.93 -18.00 1.09
C MET A 174 25.99 -17.91 -0.10
N PRO A 175 26.18 -18.74 -1.13
CA PRO A 175 25.25 -18.71 -2.27
C PRO A 175 23.85 -19.24 -1.97
N VAL A 176 23.80 -20.27 -1.12
CA VAL A 176 22.53 -20.84 -0.64
C VAL A 176 22.59 -20.93 0.89
N TRP A 177 21.46 -20.59 1.56
CA TRP A 177 21.29 -20.65 3.02
C TRP A 177 19.87 -21.15 3.33
N ASN A 178 19.66 -21.62 4.57
CA ASN A 178 18.33 -22.00 5.06
C ASN A 178 17.82 -20.91 6.03
N ASP A 179 16.54 -20.59 5.87
CA ASP A 179 15.89 -19.48 6.53
C ASP A 179 15.31 -20.00 7.87
N ILE A 180 14.42 -19.22 8.50
CA ILE A 180 13.86 -19.55 9.82
C ILE A 180 12.94 -20.79 9.79
N ILE A 181 12.36 -21.16 8.62
CA ILE A 181 11.59 -22.40 8.51
C ILE A 181 12.44 -23.48 7.86
N ASN A 182 13.74 -23.22 7.71
CA ASN A 182 14.71 -24.16 7.16
C ASN A 182 14.48 -24.37 5.66
N ARG A 183 13.77 -23.48 4.96
CA ARG A 183 13.73 -23.60 3.50
C ARG A 183 14.99 -22.94 2.91
N GLU A 184 15.30 -23.30 1.66
CA GLU A 184 16.49 -22.84 0.94
C GLU A 184 16.23 -21.47 0.37
N VAL A 185 17.21 -20.60 0.59
CA VAL A 185 17.19 -19.26 0.04
C VAL A 185 18.43 -19.15 -0.84
N TYR A 186 18.22 -18.73 -2.10
CA TYR A 186 19.29 -18.47 -3.08
C TYR A 186 19.67 -16.98 -3.17
N GLY A 187 20.96 -16.72 -2.97
CA GLY A 187 21.53 -15.41 -3.21
C GLY A 187 21.17 -14.84 -4.57
N SER A 188 21.34 -15.66 -5.60
CA SER A 188 21.08 -15.30 -6.96
C SER A 188 19.63 -14.86 -7.12
N THR A 189 18.68 -15.46 -6.38
CA THR A 189 17.28 -15.04 -6.46
C THR A 189 17.08 -13.68 -5.77
N VAL A 190 17.63 -13.55 -4.59
CA VAL A 190 17.54 -12.27 -3.88
C VAL A 190 18.12 -11.14 -4.77
N SER A 191 19.38 -11.26 -5.13
CA SER A 191 20.08 -10.31 -6.04
C SER A 191 19.28 -10.03 -7.31
N GLY A 192 18.84 -11.13 -7.96
CA GLY A 192 18.04 -11.06 -9.16
C GLY A 192 16.78 -10.23 -8.99
N TYR A 193 15.91 -10.61 -8.00
CA TYR A 193 14.73 -9.81 -7.70
C TYR A 193 15.15 -8.33 -7.40
N ILE A 194 16.22 -8.11 -6.67
CA ILE A 194 16.57 -6.70 -6.44
C ILE A 194 16.79 -5.96 -7.76
N ALA A 195 17.46 -6.65 -8.70
CA ALA A 195 17.80 -6.02 -9.96
C ALA A 195 16.57 -5.79 -10.81
N GLN A 196 15.62 -6.78 -10.75
CA GLN A 196 14.42 -6.70 -11.52
C GLN A 196 13.59 -5.57 -10.98
N ALA A 197 13.32 -5.50 -9.66
CA ALA A 197 12.61 -4.39 -9.00
C ALA A 197 13.20 -3.01 -9.36
N HIS A 198 14.52 -2.92 -9.34
CA HIS A 198 15.23 -1.72 -9.78
C HIS A 198 14.92 -1.38 -11.23
N SER A 199 14.87 -2.39 -12.17
CA SER A 199 14.67 -2.01 -13.55
C SER A 199 13.28 -1.44 -13.70
N LYS A 200 12.37 -1.69 -12.76
CA LYS A 200 11.01 -1.18 -12.85
C LYS A 200 10.75 0.05 -11.96
N ASN A 201 11.79 0.76 -11.55
CA ASN A 201 11.71 1.93 -10.71
C ASN A 201 11.16 1.64 -9.29
N MET A 202 11.43 0.43 -8.74
CA MET A 202 10.90 0.04 -7.44
C MET A 202 12.06 0.04 -6.47
N LYS A 203 11.81 0.34 -5.20
CA LYS A 203 12.78 0.19 -4.14
C LYS A 203 12.66 -1.19 -3.51
N ALA A 204 13.79 -1.73 -3.00
CA ALA A 204 13.83 -3.01 -2.34
C ALA A 204 14.21 -2.78 -0.91
N MET A 205 13.32 -3.28 0.03
CA MET A 205 13.54 -3.13 1.46
C MET A 205 13.72 -4.53 2.06
N PHE A 206 14.82 -4.76 2.77
CA PHE A 206 14.99 -6.04 3.42
C PHE A 206 14.24 -6.09 4.77
N TYR A 207 13.53 -7.22 5.02
CA TYR A 207 12.86 -7.44 6.27
C TYR A 207 13.87 -7.90 7.33
N ASN A 208 13.81 -7.35 8.57
CA ASN A 208 14.33 -8.09 9.70
C ASN A 208 13.61 -7.52 10.92
N LEU A 209 13.71 -8.17 12.09
CA LEU A 209 13.24 -7.52 13.29
C LEU A 209 14.27 -6.45 13.68
N ALA A 210 13.79 -5.53 14.56
CA ALA A 210 14.66 -4.57 15.22
C ALA A 210 15.55 -5.21 16.27
N TYR A 211 15.22 -6.41 16.76
CA TYR A 211 15.73 -6.85 18.02
C TYR A 211 15.68 -8.39 18.17
N GLY A 212 15.80 -9.15 17.06
CA GLY A 212 15.64 -10.60 17.04
C GLY A 212 16.95 -11.37 17.11
N VAL A 213 16.95 -12.41 17.94
CA VAL A 213 18.10 -13.28 18.07
C VAL A 213 17.58 -14.71 18.05
N LEU A 214 18.17 -15.60 17.24
CA LEU A 214 17.76 -17.01 17.25
C LEU A 214 18.82 -17.78 18.01
N ASN A 215 18.62 -19.08 18.22
CA ASN A 215 19.31 -19.77 19.30
C ASN A 215 20.73 -20.18 18.91
N ASP A 216 21.12 -19.96 17.67
CA ASP A 216 22.47 -20.28 17.19
C ASP A 216 23.34 -19.02 17.16
N TYR A 217 22.91 -17.90 17.80
CA TYR A 217 23.70 -16.67 17.82
C TYR A 217 25.03 -16.94 18.51
N ASP A 218 25.98 -16.00 18.41
CA ASP A 218 27.28 -16.11 19.08
C ASP A 218 27.24 -15.27 20.36
N PRO A 219 27.40 -15.88 21.57
CA PRO A 219 27.14 -15.17 22.83
C PRO A 219 28.25 -14.16 23.13
N ASN A 220 29.45 -14.43 22.58
CA ASN A 220 30.59 -13.54 22.66
C ASN A 220 30.30 -12.22 21.93
N LEU A 221 29.23 -12.15 21.11
CA LEU A 221 28.94 -10.95 20.31
C LEU A 221 27.67 -10.26 20.75
N ILE A 222 26.64 -11.05 21.07
CA ILE A 222 25.46 -10.52 21.72
C ILE A 222 25.58 -10.97 23.16
N LYS A 223 25.94 -10.03 24.04
CA LYS A 223 26.22 -10.32 25.43
C LYS A 223 24.89 -10.36 26.18
N GLN A 224 24.91 -10.93 27.39
CA GLN A 224 23.74 -11.05 28.25
C GLN A 224 23.13 -9.69 28.55
N GLN A 225 23.98 -8.66 28.64
CA GLN A 225 23.54 -7.31 28.97
C GLN A 225 22.64 -6.71 27.89
N GLN A 226 22.41 -7.39 26.77
CA GLN A 226 21.68 -6.74 25.66
C GLN A 226 20.24 -7.21 25.53
N PHE A 227 19.92 -8.26 26.25
CA PHE A 227 18.60 -8.87 26.12
C PHE A 227 17.58 -8.15 27.01
N VAL A 228 16.33 -8.40 26.65
CA VAL A 228 15.16 -8.06 27.44
C VAL A 228 14.70 -9.35 28.15
N TYR A 229 14.37 -9.16 29.44
CA TYR A 229 14.02 -10.23 30.37
C TYR A 229 12.60 -10.00 30.84
N LYS A 230 11.92 -11.09 31.15
CA LYS A 230 10.55 -11.03 31.58
C LYS A 230 10.49 -10.70 33.09
N ASP A 231 11.64 -10.83 33.78
CA ASP A 231 11.73 -10.53 35.18
C ASP A 231 12.86 -9.54 35.42
N ALA A 232 13.10 -9.24 36.71
CA ALA A 232 13.95 -8.12 37.05
C ALA A 232 15.35 -8.59 37.47
N ASN A 233 15.55 -9.92 37.61
CA ASN A 233 16.85 -10.44 37.98
C ASN A 233 17.61 -11.05 36.79
N HIS A 234 17.36 -10.55 35.58
CA HIS A 234 17.94 -11.12 34.38
C HIS A 234 17.90 -12.65 34.50
N ASN A 235 16.72 -13.22 34.78
CA ASN A 235 16.54 -14.68 34.87
C ASN A 235 16.15 -15.24 33.50
N ASP A 236 14.88 -15.06 33.09
CA ASP A 236 14.31 -15.56 31.84
C ASP A 236 14.23 -14.45 30.81
N LYS A 237 14.93 -14.66 29.69
CA LYS A 237 14.83 -13.84 28.52
C LYS A 237 13.38 -13.79 28.05
N ASP A 238 12.95 -12.63 27.60
CA ASP A 238 11.72 -12.52 26.85
C ASP A 238 11.89 -13.33 25.55
N LYS A 239 10.81 -13.92 25.04
CA LYS A 239 10.93 -14.71 23.81
C LYS A 239 9.58 -14.92 23.14
N HIS A 240 9.58 -14.83 21.82
CA HIS A 240 8.42 -15.21 21.02
C HIS A 240 8.62 -16.68 20.66
N GLU A 241 7.64 -17.52 21.05
CA GLU A 241 7.77 -18.96 20.87
C GLU A 241 7.21 -19.30 19.50
N LEU A 242 7.98 -20.03 18.71
CA LEU A 242 7.53 -20.47 17.41
C LEU A 242 7.68 -21.98 17.45
N GLY A 243 6.63 -22.71 17.09
CA GLY A 243 6.76 -24.15 17.01
C GLY A 243 7.31 -24.59 15.67
N TRP A 244 7.33 -25.90 15.43
CA TRP A 244 7.63 -26.49 14.13
C TRP A 244 6.76 -25.80 13.09
N PRO A 245 7.21 -25.46 11.85
CA PRO A 245 8.55 -25.79 11.32
C PRO A 245 9.69 -24.77 11.44
N PHE A 246 9.46 -23.76 12.29
CA PHE A 246 10.47 -22.75 12.58
C PHE A 246 11.60 -23.36 13.42
N ILE A 247 12.83 -22.89 13.20
CA ILE A 247 14.02 -23.51 13.75
C ILE A 247 14.32 -23.12 15.21
N SER A 248 13.73 -22.05 15.71
CA SER A 248 14.15 -21.46 16.97
C SER A 248 13.04 -20.55 17.47
N ASN A 249 12.99 -20.37 18.78
CA ASN A 249 12.26 -19.24 19.32
C ASN A 249 13.13 -18.00 19.14
N ILE A 250 12.48 -16.86 19.15
CA ILE A 250 13.10 -15.57 18.95
C ILE A 250 13.33 -14.89 20.31
N TYR A 251 14.60 -14.72 20.69
CA TYR A 251 14.99 -13.89 21.83
C TYR A 251 14.93 -12.40 21.42
N ILE A 252 14.69 -11.57 22.45
CA ILE A 252 14.46 -10.16 22.25
C ILE A 252 15.57 -9.37 22.93
N THR A 253 16.20 -8.43 22.19
CA THR A 253 17.17 -7.51 22.75
C THR A 253 16.52 -6.12 22.87
N ASP A 254 17.21 -5.25 23.61
CA ASP A 254 16.78 -3.86 23.80
C ASP A 254 17.20 -2.96 22.64
N PRO A 255 16.26 -2.43 21.86
CA PRO A 255 16.58 -1.51 20.78
C PRO A 255 17.41 -0.29 21.16
N ALA A 256 17.32 0.17 22.40
CA ALA A 256 18.04 1.36 22.82
C ALA A 256 19.45 0.97 23.26
N ASN A 257 19.71 -0.32 23.42
CA ASN A 257 21.00 -0.68 23.96
C ASN A 257 22.08 -0.41 22.90
N THR A 258 23.14 0.34 23.29
CA THR A 258 24.06 0.85 22.29
C THR A 258 24.93 -0.27 21.70
N ALA A 259 25.36 -1.28 22.48
CA ALA A 259 26.17 -2.40 21.96
C ALA A 259 25.36 -3.21 20.93
N TRP A 260 24.04 -3.33 21.21
CA TRP A 260 23.13 -3.99 20.31
C TRP A 260 23.06 -3.13 19.06
N GLN A 261 22.85 -1.82 19.23
CA GLN A 261 22.67 -1.03 18.03
C GLN A 261 23.90 -1.14 17.11
N ASN A 262 25.09 -1.11 17.69
CA ASN A 262 26.32 -1.08 16.94
C ASN A 262 26.52 -2.43 16.26
N TYR A 263 26.18 -3.51 17.01
CA TYR A 263 26.20 -4.89 16.49
C TYR A 263 25.30 -5.00 15.27
N LEU A 264 24.06 -4.55 15.35
CA LEU A 264 23.20 -4.70 14.23
C LEU A 264 23.57 -3.74 13.09
N ALA A 265 24.19 -2.63 13.39
CA ALA A 265 24.48 -1.69 12.30
C ALA A 265 25.52 -2.37 11.40
N GLN A 266 26.38 -3.20 12.02
CA GLN A 266 27.44 -3.89 11.32
C GLN A 266 26.76 -4.93 10.43
N LYS A 267 25.80 -5.64 11.03
CA LYS A 267 25.01 -6.61 10.28
C LYS A 267 24.37 -5.93 9.08
N ASN A 268 23.86 -4.71 9.22
CA ASN A 268 23.14 -4.11 8.10
C ASN A 268 24.12 -3.72 6.95
N ASP A 269 25.28 -3.25 7.39
CA ASP A 269 26.33 -2.83 6.51
C ASP A 269 26.79 -4.04 5.68
N ASP A 270 27.00 -5.16 6.37
CA ASP A 270 27.30 -6.43 5.78
C ASP A 270 26.31 -6.75 4.66
N VAL A 271 25.03 -6.67 4.98
CA VAL A 271 23.97 -6.96 4.04
C VAL A 271 24.11 -6.04 2.80
N TYR A 272 24.28 -4.74 3.07
CA TYR A 272 24.26 -3.70 2.06
C TYR A 272 25.45 -3.85 1.11
N LYS A 273 26.55 -4.43 1.61
CA LYS A 273 27.72 -4.59 0.78
C LYS A 273 27.60 -5.80 -0.15
N VAL A 274 26.62 -6.68 0.10
CA VAL A 274 26.38 -7.89 -0.64
C VAL A 274 25.13 -7.76 -1.52
N TYR A 275 24.02 -7.25 -1.00
CA TYR A 275 22.76 -7.22 -1.69
C TYR A 275 22.36 -5.75 -1.77
N ASP A 276 22.03 -5.27 -2.95
CA ASP A 276 21.78 -3.86 -3.15
C ASP A 276 20.36 -3.44 -2.79
N PHE A 277 19.90 -3.88 -1.63
CA PHE A 277 18.75 -3.27 -1.01
C PHE A 277 18.92 -1.74 -0.82
N ASP A 278 17.82 -0.98 -1.04
CA ASP A 278 17.67 0.44 -0.77
C ASP A 278 17.47 0.78 0.73
N GLY A 279 16.98 -0.19 1.51
CA GLY A 279 16.88 0.03 2.95
C GLY A 279 16.40 -1.22 3.74
N PHE A 280 15.97 -0.93 4.95
CA PHE A 280 15.65 -1.91 5.98
C PHE A 280 14.20 -1.71 6.40
N HIS A 281 13.35 -2.73 6.13
CA HIS A 281 11.99 -2.84 6.70
C HIS A 281 12.14 -3.42 8.11
N ILE A 282 11.98 -2.53 9.08
CA ILE A 282 12.16 -2.87 10.49
C ILE A 282 10.84 -3.43 11.05
N ASP A 283 10.88 -4.68 11.50
CA ASP A 283 9.66 -5.28 12.01
C ASP A 283 9.86 -5.46 13.53
N GLN A 284 8.77 -5.83 14.24
CA GLN A 284 8.83 -6.05 15.68
C GLN A 284 7.64 -6.93 16.07
N LEU A 285 7.53 -7.21 17.38
CA LEU A 285 6.52 -8.15 17.80
C LEU A 285 5.39 -7.46 18.55
N GLY A 286 5.33 -6.14 18.53
CA GLY A 286 4.40 -5.34 19.30
C GLY A 286 4.59 -5.42 20.81
N ASP A 287 3.53 -5.09 21.53
CA ASP A 287 3.63 -4.89 22.97
C ASP A 287 4.02 -6.20 23.62
N ARG A 288 5.12 -6.16 24.35
CA ARG A 288 5.58 -7.33 25.07
C ARG A 288 5.11 -7.38 26.53
N GLY A 289 4.22 -6.45 26.92
CA GLY A 289 3.86 -6.34 28.34
C GLY A 289 5.02 -5.76 29.16
N ASN A 290 5.17 -6.20 30.40
CA ASN A 290 6.19 -5.69 31.28
C ASN A 290 7.46 -6.52 31.19
N VAL A 291 8.47 -5.90 30.61
CA VAL A 291 9.74 -6.55 30.39
C VAL A 291 10.86 -5.62 30.88
N PHE A 292 12.03 -6.19 31.12
CA PHE A 292 13.08 -5.53 31.90
C PHE A 292 14.40 -5.54 31.12
N ARG A 293 15.29 -4.60 31.43
CA ARG A 293 16.66 -4.68 30.98
C ARG A 293 17.44 -5.60 31.91
N TYR A 294 18.73 -5.83 31.57
CA TYR A 294 19.55 -6.77 32.32
C TYR A 294 19.60 -6.28 33.75
N ASP A 295 19.67 -4.95 33.86
CA ASP A 295 19.93 -4.28 35.13
C ASP A 295 18.63 -4.11 35.92
N GLY A 296 17.54 -4.74 35.47
CA GLY A 296 16.30 -4.71 36.20
C GLY A 296 15.47 -3.44 35.98
N THR A 297 15.89 -2.50 35.09
CA THR A 297 15.04 -1.37 34.69
C THR A 297 13.96 -1.85 33.71
N ASN A 298 12.92 -1.02 33.50
CA ASN A 298 11.80 -1.32 32.62
C ASN A 298 12.25 -1.04 31.18
N ALA A 299 12.04 -2.02 30.30
CA ALA A 299 12.63 -1.92 28.98
C ALA A 299 11.85 -0.95 28.08
N ASP A 300 10.55 -0.73 28.41
CA ASP A 300 9.68 0.24 27.76
C ASP A 300 10.00 0.41 26.27
N LEU A 301 9.73 -0.67 25.53
CA LEU A 301 10.19 -0.81 24.17
C LEU A 301 9.70 0.31 23.28
N LYS A 302 8.45 0.76 23.40
CA LYS A 302 7.98 1.81 22.49
C LYS A 302 8.88 3.08 22.56
N ASN A 303 9.44 3.44 23.73
CA ASN A 303 10.41 4.54 23.84
C ASN A 303 11.87 4.15 23.63
N ALA A 304 12.14 2.88 23.25
CA ALA A 304 13.47 2.47 22.81
C ALA A 304 13.66 2.56 21.29
N PHE A 305 12.57 2.52 20.51
CA PHE A 305 12.60 2.43 19.05
C PHE A 305 13.14 3.72 18.41
N PRO A 306 12.78 4.94 18.88
CA PRO A 306 13.26 6.20 18.28
C PRO A 306 14.80 6.24 18.18
N SER A 307 15.45 5.92 19.28
CA SER A 307 16.89 5.76 19.37
C SER A 307 17.47 4.75 18.37
N PHE A 308 16.79 3.62 18.25
CA PHE A 308 17.21 2.55 17.36
C PHE A 308 17.17 3.05 15.91
N ILE A 309 16.03 3.68 15.57
CA ILE A 309 15.83 4.22 14.22
C ILE A 309 16.99 5.19 13.84
N SER A 310 17.25 6.15 14.73
CA SER A 310 18.28 7.15 14.50
C SER A 310 19.66 6.49 14.40
N ALA A 311 19.96 5.50 15.23
CA ALA A 311 21.21 4.77 15.17
C ALA A 311 21.38 4.02 13.82
N MET A 312 20.26 3.40 13.38
CA MET A 312 20.32 2.65 12.13
C MET A 312 20.65 3.62 11.00
N LYS A 313 19.90 4.71 10.90
CA LYS A 313 20.05 5.72 9.85
C LYS A 313 21.45 6.33 9.91
N SER A 314 21.96 6.70 11.11
CA SER A 314 23.26 7.35 11.10
C SER A 314 24.39 6.37 10.68
N ALA A 315 24.14 5.04 10.82
CA ALA A 315 25.15 4.09 10.36
C ALA A 315 24.99 3.82 8.87
N ASN A 316 23.87 4.19 8.24
CA ASN A 316 23.71 3.97 6.80
C ASN A 316 22.74 5.00 6.22
N THR A 317 23.33 6.19 6.01
CA THR A 317 22.57 7.43 5.89
C THR A 317 21.93 7.51 4.53
N ASN A 318 22.40 6.65 3.62
CA ASN A 318 21.92 6.60 2.27
C ASN A 318 20.88 5.49 2.13
N LYS A 319 20.47 4.83 3.26
CA LYS A 319 19.51 3.72 3.18
C LYS A 319 18.21 4.08 3.90
N LYS A 320 17.10 3.63 3.32
CA LYS A 320 15.77 3.92 3.76
C LYS A 320 15.39 3.07 4.98
N LEU A 321 14.52 3.66 5.80
CA LEU A 321 13.95 2.98 7.00
C LEU A 321 12.43 3.17 7.01
N VAL A 322 11.70 2.07 7.25
CA VAL A 322 10.26 2.05 7.51
C VAL A 322 10.15 1.14 8.70
N MET A 323 9.23 1.45 9.65
CA MET A 323 9.11 0.53 10.76
C MET A 323 7.65 0.23 11.03
N ASN A 324 7.39 -1.00 11.26
CA ASN A 324 6.03 -1.44 11.55
C ASN A 324 5.62 -1.12 12.97
N ALA A 325 4.65 -0.25 13.11
CA ALA A 325 4.01 -0.08 14.42
C ALA A 325 2.94 -1.15 14.58
N VAL A 326 3.26 -2.28 15.23
CA VAL A 326 2.29 -3.38 15.34
C VAL A 326 1.14 -2.93 16.22
N ASN A 327 -0.02 -2.89 15.60
CA ASN A 327 -1.26 -2.44 16.18
C ASN A 327 -1.07 -1.07 16.84
N GLN A 328 -0.27 -0.26 16.20
CA GLN A 328 0.13 1.10 16.60
C GLN A 328 1.10 1.15 17.80
N TYR A 329 1.63 -0.01 18.24
CA TYR A 329 2.61 0.03 19.32
C TYR A 329 3.93 0.68 18.86
N GLY A 330 4.24 1.90 19.39
CA GLY A 330 5.47 2.61 19.07
C GLY A 330 5.21 3.81 18.17
N GLN A 331 4.01 3.89 17.58
CA GLN A 331 3.75 4.77 16.46
C GLN A 331 3.91 6.23 16.91
N LYS A 332 3.23 6.62 17.99
CA LYS A 332 3.41 7.99 18.49
C LYS A 332 4.88 8.35 18.71
N GLU A 333 5.62 7.36 19.23
CA GLU A 333 6.98 7.52 19.67
C GLU A 333 7.91 7.68 18.44
N ILE A 334 7.55 7.05 17.33
CA ILE A 334 8.47 6.94 16.17
C ILE A 334 8.04 7.89 15.05
N ALA A 335 6.84 8.47 15.15
CA ALA A 335 6.33 9.22 14.00
C ALA A 335 7.22 10.38 13.55
N GLY A 336 8.04 10.95 14.44
CA GLY A 336 8.89 12.11 14.05
C GLY A 336 10.36 11.75 13.80
N LYS A 337 10.60 10.45 13.52
CA LYS A 337 11.95 9.97 13.32
C LYS A 337 12.19 9.91 11.83
N GLU A 338 13.24 9.18 11.46
CA GLU A 338 13.80 9.26 10.11
C GLU A 338 13.26 8.10 9.31
N LEU A 339 11.93 8.13 9.13
CA LEU A 339 11.20 7.08 8.45
C LEU A 339 10.64 7.63 7.15
N ASP A 340 10.62 6.78 6.09
CA ASP A 340 10.18 7.28 4.79
C ASP A 340 8.70 7.63 4.80
N PHE A 341 7.91 6.79 5.52
CA PHE A 341 6.47 6.91 5.67
C PHE A 341 6.09 6.00 6.83
N LEU A 342 4.80 6.04 7.20
CA LEU A 342 4.42 5.27 8.39
C LEU A 342 3.75 3.96 7.93
N TYR A 343 3.99 2.92 8.75
CA TYR A 343 3.37 1.64 8.57
C TYR A 343 2.73 1.10 9.87
N THR A 344 1.54 0.48 9.70
CA THR A 344 0.72 -0.02 10.79
C THR A 344 0.10 -1.36 10.35
N GLU A 345 0.50 -2.47 11.03
CA GLU A 345 -0.14 -3.77 10.98
C GLU A 345 -1.36 -3.70 11.91
N VAL A 346 -2.57 -3.89 11.34
CA VAL A 346 -3.83 -3.62 12.00
C VAL A 346 -4.37 -4.91 12.58
N TRP A 347 -4.69 -4.91 13.88
CA TRP A 347 -5.26 -6.03 14.60
C TRP A 347 -6.45 -5.57 15.46
N SER A 348 -7.02 -6.51 16.20
CA SER A 348 -8.13 -6.24 17.08
C SER A 348 -7.62 -5.24 18.08
N PRO A 349 -8.43 -4.34 18.68
CA PRO A 349 -9.87 -4.23 18.42
C PRO A 349 -10.14 -3.25 17.28
N ASN A 350 -9.16 -3.01 16.44
CA ASN A 350 -9.27 -2.11 15.32
C ASN A 350 -9.88 -2.80 14.12
N GLU A 351 -11.11 -3.29 14.25
CA GLU A 351 -11.66 -4.14 13.18
C GLU A 351 -12.71 -3.43 12.31
N GLY A 352 -13.22 -2.26 12.71
CA GLY A 352 -14.26 -1.56 11.94
C GLY A 352 -13.65 -0.74 10.83
N PHE A 353 -14.43 -0.52 9.75
CA PHE A 353 -14.01 0.49 8.78
C PHE A 353 -13.57 1.79 9.49
N LYS A 354 -14.35 2.25 10.43
CA LYS A 354 -14.04 3.51 11.13
C LYS A 354 -12.73 3.39 11.90
N ASP A 355 -12.33 2.19 12.31
CA ASP A 355 -11.02 1.98 12.94
C ASP A 355 -9.82 2.08 11.98
N LEU A 356 -10.00 1.61 10.73
CA LEU A 356 -9.01 1.86 9.67
C LEU A 356 -8.70 3.32 9.40
N THR A 357 -9.77 4.11 9.23
CA THR A 357 -9.69 5.54 8.99
C THR A 357 -9.16 6.26 10.25
N GLN A 358 -9.42 5.76 11.46
CA GLN A 358 -8.83 6.28 12.69
C GLN A 358 -7.31 6.06 12.72
N VAL A 359 -6.84 4.95 12.18
CA VAL A 359 -5.42 4.72 12.14
C VAL A 359 -4.78 5.74 11.15
N LEU A 360 -5.45 5.99 10.07
CA LEU A 360 -4.89 6.91 9.10
C LEU A 360 -4.87 8.34 9.71
N THR A 361 -5.93 8.70 10.46
CA THR A 361 -6.08 10.04 11.07
C THR A 361 -5.03 10.28 12.18
N ASP A 362 -4.92 9.30 13.07
CA ASP A 362 -3.87 9.26 14.05
C ASP A 362 -2.45 9.35 13.46
N ASN A 363 -2.10 8.55 12.48
CA ASN A 363 -0.77 8.62 11.83
C ASN A 363 -0.50 10.00 11.22
N ALA A 364 -1.49 10.69 10.68
CA ALA A 364 -1.33 12.05 10.23
C ALA A 364 -0.95 12.97 11.41
N ALA A 365 -1.66 12.80 12.53
CA ALA A 365 -1.52 13.68 13.64
C ALA A 365 -0.16 13.41 14.26
N TYR A 366 0.16 12.15 14.48
CA TYR A 366 1.43 11.86 15.13
C TYR A 366 2.56 12.43 14.25
N SER A 367 2.44 12.29 12.90
CA SER A 367 3.52 12.78 12.08
C SER A 367 3.35 14.26 11.72
N ASN A 368 2.44 14.98 12.40
CA ASN A 368 2.04 16.33 12.03
C ASN A 368 1.95 16.50 10.50
N ASN A 369 1.33 15.55 9.86
CA ASN A 369 0.93 15.65 8.48
C ASN A 369 2.14 15.60 7.55
N SER A 370 3.18 14.90 7.96
CA SER A 370 4.45 14.86 7.26
C SER A 370 4.61 13.57 6.44
N LYS A 371 3.88 12.50 6.81
CA LYS A 371 4.08 11.13 6.37
C LYS A 371 2.71 10.53 6.11
N ASN A 372 2.60 9.90 4.92
CA ASN A 372 1.45 9.06 4.56
C ASN A 372 1.68 7.71 5.24
N THR A 373 0.65 6.81 5.18
CA THR A 373 0.73 5.52 5.78
C THR A 373 0.42 4.37 4.83
N VAL A 374 1.12 3.23 5.09
CA VAL A 374 0.79 1.95 4.53
C VAL A 374 0.17 1.12 5.64
N LEU A 375 -0.96 0.49 5.33
CA LEU A 375 -1.62 -0.48 6.20
C LEU A 375 -1.39 -1.93 5.75
N ALA A 376 -0.79 -2.72 6.64
CA ALA A 376 -0.79 -4.17 6.55
C ALA A 376 -2.07 -4.60 7.28
N ALA A 377 -3.08 -5.07 6.51
CA ALA A 377 -4.42 -5.34 7.01
C ALA A 377 -4.91 -6.56 6.23
N TYR A 378 -4.56 -7.77 6.75
CA TYR A 378 -4.80 -9.04 6.06
C TYR A 378 -6.29 -9.41 5.95
N MET A 379 -6.76 -9.46 4.71
CA MET A 379 -8.14 -9.70 4.36
C MET A 379 -8.47 -11.19 4.38
N ASN A 380 -9.75 -11.55 4.68
CA ASN A 380 -10.29 -12.89 4.55
C ASN A 380 -9.40 -13.82 5.37
N TYR A 381 -9.10 -13.38 6.58
CA TYR A 381 -8.02 -13.89 7.42
C TYR A 381 -8.31 -15.28 7.89
N ASN A 382 -9.55 -15.48 8.41
CA ASN A 382 -10.00 -16.72 8.93
C ASN A 382 -10.18 -17.69 7.77
N LYS A 383 -10.73 -17.16 6.66
CA LYS A 383 -10.95 -18.03 5.50
C LYS A 383 -9.60 -18.63 5.00
N ALA A 384 -8.50 -17.83 5.16
CA ALA A 384 -7.17 -18.19 4.62
C ALA A 384 -6.52 -19.32 5.45
N ASN A 385 -7.23 -19.79 6.49
CA ASN A 385 -6.81 -21.02 7.17
C ASN A 385 -6.88 -22.20 6.21
N ASN A 386 -7.63 -22.08 5.11
CA ASN A 386 -7.68 -23.16 4.14
C ASN A 386 -7.51 -22.57 2.75
N GLN A 387 -7.14 -23.43 1.81
CA GLN A 387 -7.22 -23.06 0.40
C GLN A 387 -8.62 -22.56 0.05
N GLY A 388 -8.64 -21.50 -0.79
CA GLY A 388 -9.88 -21.00 -1.33
C GLY A 388 -9.69 -19.77 -2.18
N MET A 389 -10.75 -18.96 -2.37
CA MET A 389 -10.67 -17.70 -3.10
C MET A 389 -10.88 -16.53 -2.12
N PHE A 390 -10.21 -15.40 -2.37
CA PHE A 390 -10.60 -14.12 -1.79
C PHE A 390 -11.98 -13.71 -2.25
N ASN A 391 -12.66 -13.13 -1.29
CA ASN A 391 -14.02 -12.62 -1.49
C ASN A 391 -13.87 -11.22 -2.11
N THR A 392 -13.96 -11.20 -3.44
CA THR A 392 -13.73 -9.97 -4.23
C THR A 392 -14.38 -8.70 -3.58
N PRO A 393 -15.68 -8.63 -3.20
CA PRO A 393 -16.30 -7.39 -2.71
C PRO A 393 -15.74 -6.93 -1.35
N GLY A 394 -15.26 -7.87 -0.53
CA GLY A 394 -14.52 -7.51 0.66
C GLY A 394 -13.21 -6.83 0.35
N VAL A 395 -12.43 -7.43 -0.51
CA VAL A 395 -11.15 -6.81 -0.90
C VAL A 395 -11.41 -5.42 -1.50
N LEU A 396 -12.38 -5.25 -2.42
CA LEU A 396 -12.63 -3.96 -3.04
C LEU A 396 -13.16 -2.90 -2.10
N LEU A 397 -14.12 -3.27 -1.22
CA LEU A 397 -14.65 -2.29 -0.29
C LEU A 397 -13.55 -1.78 0.63
N THR A 398 -12.73 -2.72 1.12
CA THR A 398 -11.69 -2.30 2.06
C THR A 398 -10.69 -1.34 1.40
N ASP A 399 -10.26 -1.64 0.17
CA ASP A 399 -9.33 -0.76 -0.58
C ASP A 399 -10.04 0.54 -1.02
N ALA A 400 -11.37 0.51 -1.29
CA ALA A 400 -12.10 1.76 -1.58
C ALA A 400 -12.05 2.68 -0.35
N VAL A 401 -12.33 2.16 0.87
CA VAL A 401 -12.12 2.99 2.08
C VAL A 401 -10.67 3.48 2.22
N ILE A 402 -9.69 2.57 2.34
CA ILE A 402 -8.31 2.97 2.50
C ILE A 402 -7.87 4.05 1.49
N PHE A 403 -8.13 3.88 0.18
CA PHE A 403 -7.59 4.72 -0.89
C PHE A 403 -8.38 6.03 -0.95
N ALA A 404 -9.66 5.98 -0.62
CA ALA A 404 -10.44 7.21 -0.55
C ALA A 404 -9.92 8.17 0.55
N PHE A 405 -9.34 7.58 1.62
CA PHE A 405 -8.88 8.29 2.80
C PHE A 405 -7.37 8.55 2.77
N GLY A 406 -6.74 8.40 1.63
CA GLY A 406 -5.34 8.75 1.50
C GLY A 406 -4.40 7.72 2.11
N GLY A 407 -4.96 6.53 2.35
CA GLY A 407 -4.10 5.41 2.75
C GLY A 407 -3.68 4.58 1.53
N SER A 408 -2.86 3.57 1.88
CA SER A 408 -2.23 2.62 0.99
C SER A 408 -2.21 1.27 1.70
N HIS A 409 -2.28 0.13 0.94
CA HIS A 409 -2.45 -1.23 1.49
C HIS A 409 -1.31 -2.10 1.00
N LEU A 410 -0.51 -2.62 1.91
CA LEU A 410 0.41 -3.67 1.50
C LEU A 410 -0.38 -4.99 1.38
N GLU A 411 -0.55 -5.49 0.17
CA GLU A 411 -1.42 -6.69 -0.01
C GLU A 411 -0.92 -7.61 -1.10
N LEU A 412 -0.09 -7.11 -2.07
CA LEU A 412 0.31 -7.89 -3.28
C LEU A 412 1.79 -8.20 -3.27
N GLY A 413 2.10 -9.42 -3.49
CA GLY A 413 3.40 -9.91 -3.90
C GLY A 413 3.28 -10.98 -4.99
N GLU A 414 3.85 -12.16 -4.78
CA GLU A 414 3.61 -13.24 -5.73
C GLU A 414 2.12 -13.68 -5.72
N HIS A 415 1.40 -13.41 -4.63
CA HIS A 415 0.01 -13.65 -4.30
C HIS A 415 -0.47 -12.53 -3.35
N MET A 416 -1.77 -12.52 -2.99
CA MET A 416 -2.34 -11.53 -2.09
C MET A 416 -2.37 -12.08 -0.66
N LEU A 417 -2.05 -11.20 0.30
CA LEU A 417 -1.80 -11.60 1.68
C LEU A 417 -3.11 -12.01 2.28
N GLY A 418 -3.05 -13.15 2.98
CA GLY A 418 -4.21 -13.62 3.75
C GLY A 418 -3.88 -13.72 5.24
N LYS A 419 -2.60 -13.64 5.56
CA LYS A 419 -2.01 -13.95 6.83
C LYS A 419 -0.77 -13.09 7.03
N GLU A 420 -0.43 -12.81 8.30
CA GLU A 420 0.80 -12.08 8.63
C GLU A 420 2.07 -12.84 8.22
N TYR A 421 1.97 -14.19 7.99
CA TYR A 421 3.08 -14.95 7.46
C TYR A 421 3.00 -14.91 5.93
N PHE A 422 3.79 -14.03 5.33
CA PHE A 422 3.55 -13.61 3.95
C PHE A 422 3.59 -14.76 2.97
N PRO A 423 4.44 -15.79 3.15
CA PRO A 423 4.50 -16.90 2.21
C PRO A 423 3.22 -17.71 2.11
N ASN A 424 2.29 -17.58 3.11
CA ASN A 424 1.02 -18.29 3.02
C ASN A 424 0.28 -17.77 1.80
N LYS A 425 -0.17 -18.72 0.95
CA LYS A 425 -0.87 -18.37 -0.27
C LYS A 425 -2.11 -19.23 -0.42
N ASN A 426 -2.74 -19.56 0.71
CA ASN A 426 -3.94 -20.34 0.69
C ASN A 426 -5.01 -19.74 -0.21
N LEU A 427 -5.28 -18.43 -0.18
CA LEU A 427 -6.33 -17.82 -0.97
C LEU A 427 -5.82 -17.35 -2.33
N SER A 428 -6.54 -17.68 -3.44
CA SER A 428 -6.26 -17.10 -4.74
C SER A 428 -7.24 -15.98 -5.06
N MET A 429 -6.80 -15.06 -5.93
N MET A 429 -6.79 -15.03 -5.91
CA MET A 429 -7.62 -13.99 -6.52
CA MET A 429 -7.61 -13.99 -6.51
C MET A 429 -8.26 -14.49 -7.81
C MET A 429 -8.27 -14.53 -7.79
N SER A 430 -9.57 -14.33 -7.95
CA SER A 430 -10.24 -14.58 -9.23
C SER A 430 -9.64 -13.63 -10.28
N ALA A 431 -9.92 -13.90 -11.53
CA ALA A 431 -9.51 -13.08 -12.64
C ALA A 431 -10.31 -11.77 -12.64
N GLU A 432 -11.53 -11.78 -12.14
CA GLU A 432 -12.37 -10.59 -11.94
C GLU A 432 -11.71 -9.68 -10.90
N LEU A 433 -11.14 -10.27 -9.80
CA LEU A 433 -10.58 -9.46 -8.73
C LEU A 433 -9.27 -8.84 -9.24
N LYS A 434 -8.46 -9.67 -9.83
CA LYS A 434 -7.28 -9.15 -10.52
C LYS A 434 -7.58 -7.89 -11.36
N SER A 435 -8.51 -8.02 -12.30
N SER A 435 -8.53 -8.00 -12.30
CA SER A 435 -8.94 -6.98 -13.21
CA SER A 435 -8.83 -6.95 -13.25
C SER A 435 -9.31 -5.73 -12.42
C SER A 435 -9.37 -5.71 -12.49
N SER A 436 -10.30 -5.91 -11.53
CA SER A 436 -10.80 -4.81 -10.73
C SER A 436 -9.72 -4.08 -9.92
N LEU A 437 -8.87 -4.87 -9.27
CA LEU A 437 -7.90 -4.40 -8.35
C LEU A 437 -6.86 -3.58 -9.14
N LEU A 438 -6.61 -3.97 -10.37
CA LEU A 438 -5.74 -3.24 -11.26
C LEU A 438 -6.36 -1.88 -11.52
N GLU A 439 -7.67 -1.77 -11.70
CA GLU A 439 -8.28 -0.47 -11.92
C GLU A 439 -8.29 0.41 -10.66
N TYR A 440 -8.33 -0.21 -9.45
CA TYR A 440 -8.27 0.47 -8.13
C TYR A 440 -6.87 1.05 -7.88
N TYR A 441 -5.82 0.27 -8.16
CA TYR A 441 -4.44 0.78 -8.16
C TYR A 441 -4.23 1.85 -9.20
N ASP A 442 -4.89 1.73 -10.34
CA ASP A 442 -4.79 2.78 -11.35
C ASP A 442 -5.37 4.05 -10.72
N PHE A 443 -6.53 3.92 -10.10
CA PHE A 443 -7.31 5.08 -9.62
C PHE A 443 -6.51 5.84 -8.55
N MET A 444 -5.88 5.11 -7.61
CA MET A 444 -5.22 5.69 -6.46
C MET A 444 -3.85 6.20 -6.88
N THR A 445 -3.38 5.74 -8.04
CA THR A 445 -2.14 6.29 -8.59
C THR A 445 -2.55 7.58 -9.31
N ALA A 446 -3.44 7.47 -10.28
CA ALA A 446 -3.80 8.64 -11.06
C ALA A 446 -4.24 9.86 -10.26
N TYR A 447 -5.05 9.60 -9.23
CA TYR A 447 -5.63 10.67 -8.42
C TYR A 447 -4.92 10.89 -7.09
N GLN A 448 -3.63 10.48 -7.01
CA GLN A 448 -2.91 10.61 -5.75
C GLN A 448 -2.84 12.05 -5.20
N ASN A 449 -2.78 13.01 -6.13
CA ASN A 449 -2.71 14.41 -5.74
C ASN A 449 -3.98 14.80 -4.92
N LEU A 450 -5.15 14.24 -5.23
CA LEU A 450 -6.42 14.50 -4.58
C LEU A 450 -6.61 13.68 -3.31
N LEU A 451 -6.03 12.47 -3.30
CA LEU A 451 -6.24 11.54 -2.20
C LEU A 451 -5.29 11.75 -1.02
N ARG A 452 -4.00 12.03 -1.26
CA ARG A 452 -3.08 12.02 -0.13
C ARG A 452 -1.91 13.01 -0.35
N ASP A 453 -2.22 14.24 -0.83
CA ASP A 453 -1.23 15.31 -1.04
C ASP A 453 -1.70 16.62 -0.46
N GLY A 454 -2.09 16.62 0.84
CA GLY A 454 -2.58 17.77 1.58
C GLY A 454 -4.08 18.06 1.41
N GLY A 455 -4.54 19.01 2.24
CA GLY A 455 -5.91 19.43 2.32
C GLY A 455 -6.51 19.01 3.69
N THR A 456 -7.79 19.26 3.85
CA THR A 456 -8.56 19.11 5.05
C THR A 456 -9.84 18.33 4.74
N TYR A 457 -10.16 17.34 5.57
CA TYR A 457 -11.51 16.70 5.58
C TYR A 457 -12.64 17.63 6.04
N THR A 458 -13.75 17.54 5.31
CA THR A 458 -14.96 18.32 5.45
C THR A 458 -16.16 17.38 5.35
N ASN A 459 -17.25 17.81 5.93
CA ASN A 459 -18.51 17.14 5.88
C ASN A 459 -19.37 17.84 4.84
N PRO A 460 -19.53 17.34 3.60
CA PRO A 460 -20.31 18.10 2.62
C PRO A 460 -21.79 18.15 2.93
N THR A 461 -22.49 19.25 2.60
CA THR A 461 -23.93 19.23 2.68
C THR A 461 -24.46 18.75 1.32
N ILE A 462 -24.82 17.46 1.29
CA ILE A 462 -25.26 16.78 0.09
C ILE A 462 -26.45 15.87 0.45
N ALA A 463 -27.43 15.84 -0.46
CA ALA A 463 -28.67 15.11 -0.35
C ALA A 463 -29.03 14.50 -1.71
N THR A 464 -29.58 13.27 -1.71
CA THR A 464 -30.21 12.72 -2.91
C THR A 464 -31.27 13.70 -3.44
N GLY A 465 -31.39 13.81 -4.76
CA GLY A 465 -32.45 14.60 -5.38
C GLY A 465 -33.63 13.72 -5.73
N ASP A 466 -33.40 12.39 -5.85
CA ASP A 466 -34.37 11.47 -6.46
C ASP A 466 -34.74 10.27 -5.58
N GLY A 467 -34.09 10.08 -4.43
CA GLY A 467 -34.35 8.95 -3.58
C GLY A 467 -33.48 7.73 -3.89
N LYS A 468 -32.54 7.84 -4.81
CA LYS A 468 -31.92 6.61 -5.27
C LYS A 468 -30.85 6.20 -4.29
N LEU A 469 -30.35 7.18 -3.56
CA LEU A 469 -29.25 6.98 -2.62
C LEU A 469 -29.79 7.32 -1.23
N ASN A 470 -29.36 6.56 -0.23
CA ASN A 470 -29.70 6.83 1.14
C ASN A 470 -28.38 7.31 1.75
N LEU A 471 -28.24 8.62 1.93
CA LEU A 471 -26.96 9.29 2.08
C LEU A 471 -26.66 9.63 3.56
N GLY A 472 -25.46 9.33 4.04
CA GLY A 472 -25.04 9.72 5.36
C GLY A 472 -23.63 10.31 5.31
N SER A 473 -23.03 10.54 6.48
CA SER A 473 -21.65 10.97 6.60
C SER A 473 -20.80 9.74 6.88
N TRP A 474 -19.59 10.00 7.30
CA TRP A 474 -18.62 9.03 7.73
C TRP A 474 -18.54 9.32 9.21
N PRO A 475 -18.35 8.34 10.10
CA PRO A 475 -18.20 6.95 9.72
C PRO A 475 -19.51 6.32 9.19
N PRO A 476 -19.39 5.16 8.57
CA PRO A 476 -20.48 4.54 7.81
C PRO A 476 -21.54 3.85 8.70
N THR A 477 -22.70 3.61 8.05
CA THR A 477 -23.89 2.92 8.50
C THR A 477 -24.34 1.94 7.40
N MET A 478 -24.51 0.67 7.80
CA MET A 478 -25.02 -0.39 6.94
C MET A 478 -26.34 0.10 6.43
N GLY A 479 -26.48 0.10 5.12
CA GLY A 479 -27.67 0.57 4.43
C GLY A 479 -27.60 1.93 3.78
N LYS A 480 -26.47 2.60 3.98
CA LYS A 480 -26.33 3.98 3.54
C LYS A 480 -25.04 4.14 2.74
N VAL A 481 -25.12 5.15 1.88
CA VAL A 481 -23.95 5.68 1.16
C VAL A 481 -23.34 6.78 2.03
N ALA A 482 -22.07 6.61 2.38
CA ALA A 482 -21.29 7.54 3.20
C ALA A 482 -20.57 8.52 2.27
N ALA A 483 -20.85 9.81 2.52
CA ALA A 483 -20.15 10.87 1.83
C ALA A 483 -19.05 11.43 2.72
N VAL A 484 -17.84 11.56 2.14
CA VAL A 484 -16.61 12.03 2.74
C VAL A 484 -16.09 13.22 1.90
N GLY A 485 -15.95 14.43 2.46
CA GLY A 485 -15.43 15.57 1.70
C GLY A 485 -13.99 15.92 2.11
N LYS A 486 -13.25 16.43 1.12
CA LYS A 486 -11.90 16.89 1.32
C LYS A 486 -11.73 18.11 0.44
N GLN A 487 -11.21 19.14 1.08
CA GLN A 487 -10.84 20.37 0.45
C GLN A 487 -9.35 20.29 0.11
N VAL A 488 -9.03 20.25 -1.18
CA VAL A 488 -7.66 20.16 -1.65
C VAL A 488 -7.45 21.33 -2.57
N GLY A 489 -6.73 22.34 -2.06
CA GLY A 489 -6.54 23.50 -2.90
C GLY A 489 -7.89 24.19 -3.06
N SER A 490 -8.11 24.71 -4.26
CA SER A 490 -9.39 25.28 -4.59
C SER A 490 -10.41 24.23 -5.03
N ARG A 491 -10.11 22.92 -4.88
CA ARG A 491 -11.09 21.88 -5.27
C ARG A 491 -11.85 21.34 -4.01
N GLU A 492 -13.15 21.10 -4.14
CA GLU A 492 -13.91 20.28 -3.20
C GLU A 492 -14.12 18.89 -3.82
N ILE A 493 -13.65 17.89 -3.09
CA ILE A 493 -13.85 16.51 -3.40
C ILE A 493 -14.95 15.94 -2.50
N ILE A 494 -15.81 15.10 -3.10
CA ILE A 494 -16.80 14.29 -2.38
C ILE A 494 -16.66 12.85 -2.83
N HIS A 495 -16.29 11.96 -1.87
CA HIS A 495 -16.22 10.55 -2.12
C HIS A 495 -17.52 9.93 -1.58
N LEU A 496 -18.15 9.09 -2.44
CA LEU A 496 -19.35 8.29 -2.08
C LEU A 496 -18.92 6.86 -1.92
N LEU A 497 -19.06 6.29 -0.71
CA LEU A 497 -18.62 4.94 -0.40
C LEU A 497 -19.89 4.15 -0.03
N ASN A 498 -20.14 3.04 -0.77
CA ASN A 498 -21.45 2.39 -0.74
C ASN A 498 -21.54 1.22 0.23
N PHE A 499 -22.21 1.52 1.39
CA PHE A 499 -22.55 0.53 2.43
C PHE A 499 -24.03 0.08 2.32
N THR A 500 -24.76 0.46 1.25
CA THR A 500 -26.17 0.15 1.12
C THR A 500 -26.46 -1.31 1.46
N ASN A 501 -25.59 -2.21 0.97
CA ASN A 501 -25.83 -3.66 0.89
C ASN A 501 -24.79 -4.36 1.78
N ALA A 502 -24.10 -3.55 2.58
CA ALA A 502 -23.21 -4.09 3.60
C ALA A 502 -23.92 -4.84 4.75
N ASN A 503 -23.29 -6.00 5.09
CA ASN A 503 -23.86 -6.90 6.07
C ASN A 503 -22.89 -7.00 7.24
N SER A 504 -21.81 -6.21 7.17
CA SER A 504 -20.91 -5.96 8.24
C SER A 504 -20.13 -4.67 7.98
N LEU A 505 -19.66 -4.07 9.05
CA LEU A 505 -18.77 -2.94 8.94
C LEU A 505 -17.39 -3.32 9.42
N ASN A 506 -17.09 -4.62 9.39
CA ASN A 506 -15.77 -5.12 9.78
C ASN A 506 -14.88 -5.16 8.52
N TRP A 507 -13.76 -4.46 8.52
CA TRP A 507 -12.95 -4.30 7.25
C TRP A 507 -12.43 -5.67 6.74
N ARG A 508 -11.94 -6.52 7.64
CA ARG A 508 -11.17 -7.74 7.41
C ARG A 508 -11.99 -8.77 6.59
N ASP A 509 -13.33 -8.65 6.52
CA ASP A 509 -14.20 -9.65 5.92
C ASP A 509 -13.65 -11.06 6.18
N THR A 510 -13.43 -11.36 7.48
CA THR A 510 -12.52 -12.47 7.79
C THR A 510 -13.01 -13.79 7.18
N ASP A 511 -14.36 -13.96 7.08
CA ASP A 511 -14.98 -15.19 6.56
C ASP A 511 -15.49 -15.06 5.14
N GLY A 512 -15.22 -13.92 4.50
CA GLY A 512 -15.50 -13.66 3.13
C GLY A 512 -16.99 -13.62 2.89
N THR A 513 -17.69 -12.79 3.67
CA THR A 513 -19.16 -12.84 3.70
C THR A 513 -19.74 -11.55 3.09
N GLN A 514 -18.86 -10.59 2.85
CA GLN A 514 -19.35 -9.25 2.57
C GLN A 514 -20.08 -9.29 1.24
N ASN A 515 -21.04 -8.40 1.02
CA ASN A 515 -21.80 -8.48 -0.21
C ASN A 515 -21.23 -7.66 -1.38
N VAL A 516 -21.60 -8.06 -2.61
CA VAL A 516 -21.32 -7.21 -3.74
C VAL A 516 -22.39 -6.10 -3.76
N PRO A 517 -22.04 -4.80 -3.72
CA PRO A 517 -23.04 -3.73 -3.87
C PRO A 517 -23.76 -3.74 -5.23
N ASP A 518 -25.09 -3.73 -5.16
CA ASP A 518 -25.94 -3.36 -6.28
C ASP A 518 -25.51 -2.05 -6.93
N LEU A 519 -25.53 -1.94 -8.26
CA LEU A 519 -25.24 -0.67 -8.94
C LEU A 519 -26.36 0.35 -8.69
N ILE A 520 -25.98 1.59 -8.40
CA ILE A 520 -26.97 2.63 -8.45
C ILE A 520 -26.65 3.57 -9.61
N LYS A 521 -27.63 3.89 -10.43
CA LYS A 521 -27.34 4.58 -11.68
C LYS A 521 -28.05 5.92 -11.78
N GLN A 522 -27.37 6.91 -12.37
CA GLN A 522 -28.03 8.19 -12.64
C GLN A 522 -28.69 8.77 -11.38
N ALA A 523 -27.96 8.77 -10.24
CA ALA A 523 -28.46 9.29 -8.98
C ALA A 523 -28.28 10.80 -8.92
N MET A 524 -29.38 11.54 -8.90
CA MET A 524 -29.37 12.99 -8.73
C MET A 524 -28.90 13.37 -7.33
N LEU A 525 -27.97 14.35 -7.31
CA LEU A 525 -27.43 14.91 -6.07
C LEU A 525 -27.60 16.43 -6.08
N ASN A 526 -27.88 16.93 -4.85
CA ASN A 526 -27.92 18.34 -4.50
C ASN A 526 -26.81 18.67 -3.49
N LEU A 527 -26.08 19.74 -3.76
CA LEU A 527 -24.87 20.09 -3.03
C LEU A 527 -24.88 21.59 -2.79
N ASN A 528 -24.73 22.00 -1.52
CA ASN A 528 -24.49 23.40 -1.19
C ASN A 528 -23.02 23.70 -1.41
N HIS A 529 -22.78 24.69 -2.26
CA HIS A 529 -21.45 25.17 -2.59
C HIS A 529 -21.58 26.65 -2.94
N SER A 530 -21.23 27.52 -2.00
CA SER A 530 -20.98 28.92 -2.30
C SER A 530 -19.67 28.97 -3.04
N GLY A 531 -19.54 29.97 -3.87
CA GLY A 531 -18.43 29.98 -4.80
C GLY A 531 -18.94 29.44 -6.12
N LYS A 532 -18.72 30.21 -7.18
CA LYS A 532 -19.19 29.84 -8.49
C LYS A 532 -18.54 28.48 -8.82
N VAL A 533 -19.34 27.57 -9.41
CA VAL A 533 -18.82 26.33 -9.93
C VAL A 533 -18.54 26.49 -11.42
N THR A 534 -17.34 26.03 -11.79
CA THR A 534 -16.77 26.16 -13.12
C THR A 534 -16.88 24.81 -13.84
N LYS A 535 -16.62 23.73 -13.10
CA LYS A 535 -16.64 22.39 -13.63
C LYS A 535 -16.82 21.39 -12.52
N ILE A 536 -17.73 20.46 -12.71
CA ILE A 536 -17.76 19.24 -11.91
C ILE A 536 -17.35 18.05 -12.77
N TRP A 537 -16.51 17.16 -12.21
CA TRP A 537 -16.20 15.94 -12.90
C TRP A 537 -16.26 14.74 -11.93
N TYR A 538 -16.47 13.56 -12.54
CA TYR A 538 -16.64 12.30 -11.82
C TYR A 538 -15.55 11.33 -12.22
N ALA A 539 -15.09 10.51 -11.26
CA ALA A 539 -14.26 9.38 -11.64
C ALA A 539 -14.50 8.29 -10.64
N SER A 540 -14.48 7.03 -11.11
CA SER A 540 -14.74 5.89 -10.25
C SER A 540 -13.91 4.72 -10.77
N PRO A 541 -13.18 3.95 -9.95
CA PRO A 541 -12.56 2.75 -10.46
C PRO A 541 -13.59 1.70 -10.94
N ASP A 542 -14.88 1.88 -10.66
CA ASP A 542 -15.92 0.91 -11.03
C ASP A 542 -16.61 1.29 -12.35
N TYR A 543 -16.15 2.40 -13.00
CA TYR A 543 -16.82 2.95 -14.17
C TYR A 543 -15.78 3.52 -15.14
N ASN A 544 -15.77 3.01 -16.37
CA ASN A 544 -14.78 3.45 -17.35
C ASN A 544 -13.34 3.48 -16.84
N GLY A 545 -12.88 2.43 -16.17
CA GLY A 545 -11.47 2.35 -15.79
C GLY A 545 -10.95 3.62 -15.08
N GLY A 546 -11.87 4.39 -14.45
CA GLY A 546 -11.57 5.58 -13.64
C GLY A 546 -11.31 6.83 -14.48
N ALA A 547 -11.55 6.76 -15.81
CA ALA A 547 -11.42 7.98 -16.61
C ALA A 547 -12.33 9.04 -16.04
N ALA A 548 -11.88 10.28 -16.04
CA ALA A 548 -12.69 11.39 -15.62
C ALA A 548 -13.83 11.64 -16.59
N VAL A 549 -15.07 11.84 -16.11
CA VAL A 549 -16.22 12.22 -16.93
C VAL A 549 -16.72 13.57 -16.42
N GLU A 550 -16.79 14.54 -17.32
CA GLU A 550 -17.34 15.83 -16.96
C GLU A 550 -18.85 15.66 -16.80
N LEU A 551 -19.46 16.19 -15.69
CA LEU A 551 -20.92 16.26 -15.51
C LEU A 551 -21.53 17.60 -15.90
N SER A 552 -22.75 17.53 -16.46
CA SER A 552 -23.66 18.68 -16.52
C SER A 552 -23.93 19.10 -15.09
N PHE A 553 -24.35 20.35 -14.88
CA PHE A 553 -24.75 20.80 -13.56
C PHE A 553 -25.47 22.14 -13.71
N SER A 554 -26.37 22.46 -12.77
CA SER A 554 -26.90 23.81 -12.61
C SER A 554 -26.49 24.34 -11.24
N GLN A 555 -26.47 25.66 -11.11
CA GLN A 555 -26.12 26.30 -9.86
C GLN A 555 -27.09 27.44 -9.66
N ASN A 556 -27.89 27.34 -8.60
CA ASN A 556 -28.78 28.39 -8.19
C ASN A 556 -28.43 28.74 -6.76
N GLY A 557 -27.90 29.95 -6.57
CA GLY A 557 -27.37 30.36 -5.29
C GLY A 557 -26.21 29.46 -4.88
N GLU A 558 -26.32 28.88 -3.67
CA GLU A 558 -25.41 27.86 -3.19
C GLU A 558 -25.82 26.46 -3.62
N LYS A 559 -26.99 26.34 -4.27
CA LYS A 559 -27.50 25.03 -4.61
C LYS A 559 -26.98 24.59 -5.97
N VAL A 560 -26.25 23.50 -5.96
CA VAL A 560 -25.75 22.90 -7.19
C VAL A 560 -26.41 21.55 -7.39
N ASN A 561 -26.85 21.21 -8.62
CA ASN A 561 -27.30 19.84 -8.89
C ASN A 561 -26.59 19.20 -10.08
N PHE A 562 -26.54 17.89 -10.01
CA PHE A 562 -25.90 17.06 -11.01
C PHE A 562 -26.28 15.60 -10.76
N LYS A 563 -25.92 14.75 -11.72
CA LYS A 563 -26.27 13.34 -11.69
C LYS A 563 -24.98 12.52 -11.67
N VAL A 564 -24.80 11.57 -10.75
CA VAL A 564 -23.66 10.69 -10.95
C VAL A 564 -24.11 9.50 -11.80
N PRO A 565 -23.31 9.10 -12.82
CA PRO A 565 -23.64 7.99 -13.70
C PRO A 565 -23.78 6.65 -13.00
N VAL A 566 -22.81 6.27 -12.17
CA VAL A 566 -22.77 4.98 -11.50
C VAL A 566 -22.13 5.10 -10.10
N LEU A 567 -22.74 4.41 -9.13
CA LEU A 567 -22.05 4.08 -7.88
C LEU A 567 -22.13 2.59 -7.63
N GLN A 568 -20.96 1.96 -7.43
CA GLN A 568 -20.94 0.58 -7.02
C GLN A 568 -20.31 0.51 -5.64
N TYR A 569 -18.99 0.57 -5.58
CA TYR A 569 -18.31 0.71 -4.33
C TYR A 569 -17.95 2.16 -3.98
N TRP A 570 -17.35 2.89 -4.95
CA TRP A 570 -16.64 4.13 -4.64
C TRP A 570 -16.64 5.06 -5.88
N ALA A 571 -17.36 6.15 -5.74
CA ALA A 571 -17.34 7.22 -6.73
C ALA A 571 -16.63 8.46 -6.14
N MET A 572 -15.94 9.27 -6.95
CA MET A 572 -15.33 10.55 -6.50
C MET A 572 -15.86 11.65 -7.43
N ILE A 573 -16.41 12.69 -6.79
CA ILE A 573 -16.94 13.88 -7.43
C ILE A 573 -15.97 15.03 -7.10
N VAL A 574 -15.58 15.82 -8.13
CA VAL A 574 -14.62 16.90 -7.98
C VAL A 574 -15.27 18.19 -8.47
N VAL A 575 -15.38 19.15 -7.56
CA VAL A 575 -16.00 20.42 -7.87
C VAL A 575 -14.92 21.50 -7.88
N GLU A 576 -14.84 22.25 -8.98
CA GLU A 576 -13.82 23.27 -9.24
C GLU A 576 -14.53 24.56 -9.59
C1 GLC B . 8.72 -13.38 13.15
C2 GLC B . 9.99 -13.54 12.32
C3 GLC B . 9.74 -13.93 10.88
C4 GLC B . 8.80 -15.14 10.78
C5 GLC B . 7.57 -15.00 11.77
C6 GLC B . 6.77 -16.30 11.94
O1 GLC B . 7.75 -12.43 12.66
O2 GLC B . 10.73 -12.34 12.44
O3 GLC B . 11.01 -14.24 10.26
O4 GLC B . 8.21 -15.26 9.48
O5 GLC B . 8.00 -14.58 13.11
O6 GLC B . 5.42 -15.92 12.11
H1 GLC B . 8.95 -13.17 14.09
H2 GLC B . 10.52 -14.26 12.75
H3 GLC B . 9.32 -13.17 10.41
H4 GLC B . 9.30 -15.96 11.00
H5 GLC B . 6.97 -14.31 11.40
H61 GLC B . 7.08 -16.78 12.74
H62 GLC B . 6.87 -16.87 11.16
HO1 GLC B . 8.04 -11.65 12.78
HO2 GLC B . 10.85 -12.03 11.66
HO3 GLC B . 10.92 -15.04 9.96
HO4 GLC B . 7.41 -15.23 9.53
HO6 GLC B . 5.32 -15.08 12.17
C2 BGC C . -11.73 14.52 10.18
C3 BGC C . -12.53 13.25 10.01
C4 BGC C . -11.94 12.42 8.84
C5 BGC C . -10.44 12.13 9.04
C6 BGC C . -9.70 11.62 7.84
C1 BGC C . -10.26 14.24 10.37
O1 BGC C . -9.56 15.43 10.34
O2 BGC C . -12.25 15.31 11.25
O3 BGC C . -13.86 13.65 9.70
O4 BGC C . -12.64 11.19 8.67
O5 BGC C . -9.68 13.33 9.34
O6 BGC C . -8.36 11.32 8.30
H2 BGC C . -11.80 15.05 9.35
H3 BGC C . -12.52 12.72 10.85
H4 BGC C . -12.04 12.94 8.01
H5 BGC C . -10.33 11.49 9.78
H61 BGC C . -9.69 12.29 7.13
H62 BGC C . -10.13 10.80 7.51
H1 BGC C . -10.13 13.82 11.26
HO1 BGC C . -8.77 15.28 10.63
HO2 BGC C . -11.69 15.45 11.81
HO3 BGC C . -14.10 13.24 8.94
HO4 BGC C . -12.05 10.56 8.74
HO6 BGC C . -8.20 11.65 9.07
C1 GLC D . 15.80 12.47 7.62
C2 GLC D . 16.96 11.55 7.16
C3 GLC D . 16.56 10.93 5.75
C4 GLC D . 15.20 10.24 5.82
C5 GLC D . 14.11 11.18 6.33
C6 GLC D . 12.78 10.48 6.57
O1 GLC D . 15.47 13.65 6.84
O2 GLC D . 18.22 12.24 7.21
O3 GLC D . 17.55 9.98 5.27
O4 GLC D . 14.88 9.76 4.52
O5 GLC D . 14.57 11.67 7.64
O6 GLC D . 11.70 11.40 6.90
H1 GLC D . 15.99 12.75 8.55
H2 GLC D . 16.99 10.81 7.81
H3 GLC D . 16.50 11.67 5.09
H4 GLC D . 15.27 9.47 6.44
H5 GLC D . 14.00 11.93 5.72
H61 GLC D . 12.88 9.83 7.30
H62 GLC D . 12.54 9.99 5.76
HO1 GLC D . 16.19 14.06 6.64
HO2 GLC D . 18.46 12.32 6.40
HO3 GLC D . 17.21 9.34 5.10
HO4 GLC D . 14.17 10.08 4.25
HO6 GLC D . 12.12 12.18 7.01
NA NA E . 6.41 6.70 -6.46
#